data_4ER6
#
_entry.id   4ER6
#
_cell.length_a   149.907
_cell.length_b   149.907
_cell.length_c   52.839
_cell.angle_alpha   90.00
_cell.angle_beta   90.00
_cell.angle_gamma   120.00
#
_symmetry.space_group_name_H-M   'P 65'
#
loop_
_entity.id
_entity.type
_entity.pdbx_description
1 polymer 'Histone-lysine N-methyltransferase, H3 lysine-79 specific'
2 non-polymer 'BROMIDE ION'
3 non-polymer 5-bromo-7-{5-[(3-{[(4-tert-butylphenyl)carbamoyl]amino}propyl)(propan-2-yl)amino]-5-deoxy-beta-D-ribofuranosyl}-7H-pyrrolo[2,3-d]pyrimidin-4-amine
4 non-polymer 'SODIUM ION'
5 water water
#
_entity_poly.entity_id   1
_entity_poly.type   'polypeptide(L)'
_entity_poly.pdbx_seq_one_letter_code
;GMGEKLELRLKSPVGAEPAVYPWPLPVYDKHHDAAHEIIETIRWVCEEIPDLKLAMENYVLIDYDTKSFESMQRLCDKYN
RAIDSIHQLWKGTTQPMKLNTRPSTGLLRHILQQVYNHSVTDPEKLNNYEPFSPEVYGETSFDLVAQMIDEIKMTDDDLF
VDLGSGVGQVVLQVAAATNCKHHYGVEKADIPAKYAETMDREFRKWMKWYGKKHAEYTLERGDFLSEEWRERIANTSVIF
VNNFAFGPEVDHQLKERFANMKEGGRIVSSKPFAPLNFRINSRNLSDIGTIMRVVELSPLKGSVSWTGKPVSYYLHTIDR
TILENYFSSLKNPKLREEQEAARRRQQRESKSNAATPTKGPEGKVAGPADAPMDSGAEEEKAGAATVKKPSPSKARKKKL
NKKGRKMAGRKRG
;
_entity_poly.pdbx_strand_id   A
#
loop_
_chem_comp.id
_chem_comp.type
_chem_comp.name
_chem_comp.formula
AW2 non-polymer 5-bromo-7-{5-[(3-{[(4-tert-butylphenyl)carbamoyl]amino}propyl)(propan-2-yl)amino]-5-deoxy-beta-D-ribofuranosyl}-7H-pyrrolo[2,3-d]pyrimidin-4-amine 'C28 H40 Br N7 O4'
BR non-polymer 'BROMIDE ION' 'Br -1'
NA non-polymer 'SODIUM ION' 'Na 1'
#
# COMPACT_ATOMS: atom_id res chain seq x y z
N LYS A 5 -6.74 26.47 -26.97
CA LYS A 5 -6.42 25.75 -25.71
C LYS A 5 -5.37 24.67 -25.96
N LEU A 6 -4.12 25.00 -25.62
CA LEU A 6 -2.99 24.12 -25.79
C LEU A 6 -3.01 22.96 -24.81
N GLU A 7 -2.34 21.87 -25.17
CA GLU A 7 -2.27 20.66 -24.34
C GLU A 7 -1.04 19.83 -24.68
N LEU A 8 -0.68 18.94 -23.77
CA LEU A 8 0.36 17.97 -24.01
C LEU A 8 -0.23 16.57 -23.86
N ARG A 9 0.27 15.63 -24.67
CA ARG A 9 -0.23 14.25 -24.71
C ARG A 9 0.90 13.25 -24.59
N LEU A 10 0.68 12.20 -23.81
CA LEU A 10 1.57 11.07 -23.81
C LEU A 10 0.85 9.84 -24.25
N LYS A 11 1.41 9.17 -25.24
CA LYS A 11 0.84 7.89 -25.69
C LYS A 11 1.09 6.82 -24.67
N SER A 12 0.09 5.98 -24.46
CA SER A 12 0.23 4.80 -23.63
C SER A 12 1.19 3.78 -24.28
N PRO A 13 2.10 3.19 -23.50
CA PRO A 13 2.99 2.14 -24.00
C PRO A 13 2.23 0.93 -24.56
N VAL A 14 0.96 0.76 -24.18
CA VAL A 14 0.15 -0.42 -24.60
C VAL A 14 -1.11 -0.03 -25.36
N GLY A 15 -1.14 1.19 -25.88
CA GLY A 15 -2.26 1.64 -26.72
C GLY A 15 -3.57 1.97 -26.04
N ALA A 16 -3.57 2.14 -24.72
CA ALA A 16 -4.73 2.74 -24.03
C ALA A 16 -4.88 4.21 -24.50
N GLU A 17 -6.01 4.86 -24.16
CA GLU A 17 -6.17 6.27 -24.51
C GLU A 17 -4.99 7.12 -23.95
N PRO A 18 -4.55 8.14 -24.69
CA PRO A 18 -3.36 8.87 -24.23
C PRO A 18 -3.62 9.76 -23.00
N ALA A 19 -2.59 10.00 -22.19
CA ALA A 19 -2.71 10.94 -21.08
C ALA A 19 -2.69 12.36 -21.65
N VAL A 20 -3.67 13.16 -21.24
CA VAL A 20 -3.81 14.52 -21.75
C VAL A 20 -3.65 15.52 -20.62
N TYR A 21 -2.78 16.48 -20.82
CA TYR A 21 -2.54 17.51 -19.84
C TYR A 21 -2.75 18.87 -20.44
N PRO A 22 -3.63 19.68 -19.83
CA PRO A 22 -3.78 21.07 -20.30
C PRO A 22 -2.54 21.92 -20.03
N TRP A 23 -2.28 22.86 -20.94
CA TRP A 23 -1.33 23.91 -20.70
C TRP A 23 -2.07 25.18 -20.36
N PRO A 24 -1.60 25.92 -19.33
CA PRO A 24 -0.49 25.63 -18.40
C PRO A 24 -0.71 24.39 -17.54
N LEU A 25 0.37 23.67 -17.31
CA LEU A 25 0.32 22.44 -16.57
C LEU A 25 -0.12 22.64 -15.13
N PRO A 26 -1.09 21.81 -14.67
CA PRO A 26 -1.62 21.90 -13.31
C PRO A 26 -0.56 21.69 -12.22
N VAL A 27 -0.72 22.39 -11.12
CA VAL A 27 0.04 22.13 -9.91
C VAL A 27 -0.83 21.24 -9.02
N TYR A 28 -0.27 20.16 -8.49
CA TYR A 28 -1.04 19.22 -7.68
C TYR A 28 -0.97 19.52 -6.19
N ASP A 29 0.25 19.59 -5.65
CA ASP A 29 0.49 20.15 -4.30
C ASP A 29 1.80 20.90 -4.29
N LYS A 30 2.33 21.18 -3.10
CA LYS A 30 3.52 22.03 -2.94
C LYS A 30 4.78 21.43 -3.59
N HIS A 31 4.79 20.10 -3.74
CA HIS A 31 5.96 19.37 -4.25
C HIS A 31 5.65 18.56 -5.48
N HIS A 32 4.42 18.65 -5.98
CA HIS A 32 4.02 17.89 -7.17
C HIS A 32 3.26 18.72 -8.14
N ASP A 33 3.71 18.66 -9.40
CA ASP A 33 3.06 19.35 -10.49
C ASP A 33 3.06 18.42 -11.72
N ALA A 34 2.25 18.76 -12.72
CA ALA A 34 2.11 17.94 -13.93
C ALA A 34 3.42 17.79 -14.74
N ALA A 35 4.22 18.85 -14.80
CA ALA A 35 5.49 18.84 -15.55
C ALA A 35 6.40 17.72 -15.09
N HIS A 36 6.52 17.58 -13.76
CA HIS A 36 7.37 16.57 -13.17
C HIS A 36 6.72 15.22 -13.16
N GLU A 37 5.39 15.19 -13.22
CA GLU A 37 4.69 13.93 -13.42
C GLU A 37 4.94 13.39 -14.83
N ILE A 38 4.92 14.27 -15.83
CA ILE A 38 5.16 13.87 -17.22
C ILE A 38 6.59 13.36 -17.38
N ILE A 39 7.54 14.10 -16.83
CA ILE A 39 8.93 13.70 -16.87
C ILE A 39 9.15 12.33 -16.21
N GLU A 40 8.44 12.08 -15.09
CA GLU A 40 8.61 10.83 -14.35
C GLU A 40 7.95 9.66 -15.06
N THR A 41 6.79 9.92 -15.63
CA THR A 41 6.08 8.95 -16.48
C THR A 41 6.97 8.44 -17.61
N ILE A 42 7.57 9.36 -18.35
CA ILE A 42 8.50 9.03 -19.42
C ILE A 42 9.65 8.20 -18.84
N ARG A 43 10.19 8.65 -17.71
CA ARG A 43 11.28 7.96 -17.06
C ARG A 43 10.88 6.52 -16.70
N TRP A 44 9.66 6.35 -16.19
CA TRP A 44 9.17 5.01 -15.86
C TRP A 44 8.84 4.14 -17.03
N VAL A 45 8.25 4.73 -18.08
CA VAL A 45 7.98 3.95 -19.27
C VAL A 45 9.29 3.44 -19.85
N CYS A 46 10.31 4.29 -19.85
CA CYS A 46 11.65 3.90 -20.27
C CYS A 46 12.20 2.70 -19.50
N GLU A 47 11.88 2.61 -18.20
CA GLU A 47 12.24 1.44 -17.38
C GLU A 47 11.49 0.19 -17.82
N GLU A 48 10.27 0.37 -18.34
CA GLU A 48 9.48 -0.79 -18.83
C GLU A 48 10.01 -1.31 -20.13
N ILE A 49 10.60 -0.42 -20.94
CA ILE A 49 10.96 -0.73 -22.30
C ILE A 49 12.40 -0.31 -22.64
N PRO A 50 13.35 -1.27 -22.61
CA PRO A 50 14.73 -1.01 -22.93
C PRO A 50 14.91 -0.14 -24.16
N ASP A 51 14.13 -0.40 -25.20
CA ASP A 51 14.31 0.26 -26.50
C ASP A 51 13.97 1.73 -26.48
N LEU A 52 12.92 2.05 -25.73
CA LEU A 52 12.56 3.43 -25.49
C LEU A 52 13.69 4.13 -24.73
N LYS A 53 14.16 3.50 -23.63
CA LYS A 53 15.28 4.01 -22.84
C LYS A 53 16.49 4.25 -23.72
N LEU A 54 16.65 3.42 -24.75
CA LEU A 54 17.74 3.58 -25.71
C LEU A 54 17.56 4.82 -26.57
N ALA A 55 16.34 5.07 -27.06
CA ALA A 55 16.11 6.22 -27.97
C ALA A 55 16.20 7.60 -27.28
N MET A 56 15.79 7.69 -26.03
CA MET A 56 15.79 8.97 -25.30
C MET A 56 17.21 9.40 -24.84
N GLU A 57 17.50 10.71 -24.93
CA GLU A 57 18.70 11.30 -24.33
C GLU A 57 18.40 11.50 -22.82
N ASN A 58 18.73 10.47 -22.02
CA ASN A 58 18.20 10.32 -20.62
C ASN A 58 18.56 11.42 -19.61
N TYR A 59 19.81 11.89 -19.67
CA TYR A 59 20.28 12.96 -18.77
C TYR A 59 19.71 14.33 -19.14
N VAL A 60 19.43 14.52 -20.44
CA VAL A 60 18.78 15.73 -20.96
C VAL A 60 17.37 15.95 -20.35
N LEU A 61 16.70 14.86 -19.94
CA LEU A 61 15.34 14.95 -19.33
C LEU A 61 15.22 16.00 -18.20
N ILE A 62 16.31 16.19 -17.45
CA ILE A 62 16.36 17.21 -16.38
C ILE A 62 16.58 18.63 -16.95
N ASP A 63 17.20 18.73 -18.13
CA ASP A 63 17.48 20.03 -18.79
C ASP A 63 16.40 20.47 -19.79
N TYR A 64 15.14 20.31 -19.38
CA TYR A 64 14.00 20.81 -20.12
C TYR A 64 13.34 21.93 -19.34
N ASP A 65 12.91 22.97 -20.06
CA ASP A 65 12.24 24.10 -19.46
C ASP A 65 10.77 23.74 -19.19
N THR A 66 10.49 23.31 -17.96
CA THR A 66 9.13 22.91 -17.55
C THR A 66 8.10 24.06 -17.66
N LYS A 67 8.60 25.30 -17.77
CA LYS A 67 7.73 26.47 -17.89
C LYS A 67 7.53 26.89 -19.34
N SER A 68 8.22 26.22 -20.26
CA SER A 68 8.09 26.54 -21.67
C SER A 68 7.25 25.47 -22.36
N PHE A 69 6.23 25.92 -23.10
CA PHE A 69 5.34 24.99 -23.81
C PHE A 69 6.07 24.29 -24.91
N GLU A 70 6.90 25.05 -25.64
CA GLU A 70 7.68 24.51 -26.75
C GLU A 70 8.67 23.45 -26.30
N SER A 71 9.37 23.75 -25.20
CA SER A 71 10.34 22.82 -24.62
C SER A 71 9.66 21.51 -24.16
N MET A 72 8.50 21.65 -23.50
CA MET A 72 7.79 20.48 -23.00
C MET A 72 7.13 19.68 -24.13
N GLN A 73 6.62 20.37 -25.13
CA GLN A 73 6.05 19.70 -26.32
C GLN A 73 7.13 18.93 -27.10
N ARG A 74 8.33 19.50 -27.19
CA ARG A 74 9.49 18.83 -27.77
C ARG A 74 9.78 17.50 -27.04
N LEU A 75 9.66 17.51 -25.71
CA LEU A 75 9.87 16.29 -24.92
C LEU A 75 8.79 15.23 -25.17
N CYS A 76 7.52 15.65 -25.16
CA CYS A 76 6.41 14.73 -25.39
C CYS A 76 6.42 14.14 -26.80
N ASP A 77 6.69 14.99 -27.80
CA ASP A 77 6.75 14.54 -29.20
C ASP A 77 7.84 13.53 -29.36
N LYS A 78 9.01 13.81 -28.80
CA LYS A 78 10.13 12.89 -28.86
C LYS A 78 9.74 11.53 -28.25
N TYR A 79 9.14 11.57 -27.05
CA TYR A 79 8.61 10.36 -26.39
C TYR A 79 7.60 9.62 -27.28
N ASN A 80 6.62 10.37 -27.81
CA ASN A 80 5.56 9.81 -28.66
C ASN A 80 6.05 9.21 -30.00
N ARG A 81 7.02 9.88 -30.63
CA ARG A 81 7.64 9.35 -31.84
C ARG A 81 8.29 8.02 -31.53
N ALA A 82 8.99 7.96 -30.40
CA ALA A 82 9.70 6.76 -29.98
C ALA A 82 8.72 5.63 -29.63
N ILE A 83 7.59 5.99 -29.00
CA ILE A 83 6.54 5.00 -28.70
C ILE A 83 5.98 4.38 -30.00
N ASP A 84 5.71 5.24 -30.98
CA ASP A 84 5.25 4.81 -32.29
C ASP A 84 6.21 3.86 -32.92
N SER A 85 7.50 4.19 -32.87
CA SER A 85 8.49 3.31 -33.46
C SER A 85 8.59 1.98 -32.70
N ILE A 86 8.32 2.01 -31.40
CA ILE A 86 8.31 0.78 -30.59
C ILE A 86 7.12 -0.13 -30.95
N HIS A 87 5.95 0.47 -31.12
CA HIS A 87 4.75 -0.26 -31.57
C HIS A 87 4.92 -0.87 -32.93
N GLN A 88 5.61 -0.16 -33.82
CA GLN A 88 5.97 -0.75 -35.11
C GLN A 88 6.90 -1.95 -34.89
N LEU A 89 7.93 -1.77 -34.07
CA LEU A 89 8.89 -2.81 -33.78
C LEU A 89 8.22 -4.10 -33.27
N TRP A 90 7.19 -3.93 -32.44
CA TRP A 90 6.43 -5.08 -31.92
C TRP A 90 5.64 -5.81 -32.98
N LYS A 91 5.20 -5.11 -34.03
CA LYS A 91 4.51 -5.73 -35.16
C LYS A 91 5.45 -6.65 -35.93
N GLY A 92 6.75 -6.33 -35.92
CA GLY A 92 7.78 -7.21 -36.50
C GLY A 92 7.98 -8.44 -35.65
N THR A 93 9.13 -9.08 -35.78
CA THR A 93 9.41 -10.35 -35.05
C THR A 93 9.59 -10.13 -33.54
N THR A 94 10.07 -8.94 -33.17
CA THR A 94 10.28 -8.57 -31.75
C THR A 94 9.01 -8.82 -30.94
N GLN A 95 9.14 -9.58 -29.85
CA GLN A 95 8.01 -9.89 -28.99
C GLN A 95 7.58 -8.66 -28.18
N PRO A 96 6.27 -8.37 -28.16
CA PRO A 96 5.77 -7.20 -27.44
C PRO A 96 6.00 -7.30 -25.93
N MET A 97 5.83 -6.19 -25.22
CA MET A 97 5.92 -6.17 -23.77
C MET A 97 4.87 -7.11 -23.21
N LYS A 98 5.31 -8.04 -22.35
CA LYS A 98 4.39 -8.96 -21.68
C LYS A 98 3.27 -8.15 -21.03
N LEU A 99 2.03 -8.60 -21.20
CA LEU A 99 0.88 -7.90 -20.63
C LEU A 99 0.46 -8.51 -19.31
N ASN A 100 -0.27 -7.73 -18.52
CA ASN A 100 -0.78 -8.18 -17.22
C ASN A 100 0.29 -8.82 -16.27
N THR A 101 1.46 -8.19 -16.19
CA THR A 101 2.41 -8.45 -15.12
C THR A 101 2.19 -7.38 -14.07
N ARG A 102 2.77 -7.58 -12.89
CA ARG A 102 2.67 -6.60 -11.82
C ARG A 102 3.74 -5.55 -12.00
N PRO A 103 3.47 -4.32 -11.55
CA PRO A 103 4.46 -3.26 -11.66
C PRO A 103 5.62 -3.48 -10.72
N SER A 104 6.83 -3.14 -11.14
CA SER A 104 7.95 -3.10 -10.21
C SER A 104 7.60 -2.11 -9.07
N THR A 105 8.28 -2.24 -7.94
CA THR A 105 8.07 -1.36 -6.80
C THR A 105 8.26 0.13 -7.16
N GLY A 106 9.36 0.46 -7.82
CA GLY A 106 9.62 1.83 -8.30
C GLY A 106 8.49 2.36 -9.18
N LEU A 107 8.05 1.57 -10.16
CA LEU A 107 6.92 1.99 -11.03
C LEU A 107 5.63 2.17 -10.21
N LEU A 108 5.34 1.21 -9.34
CA LEU A 108 4.17 1.29 -8.47
C LEU A 108 4.18 2.57 -7.61
N ARG A 109 5.35 2.94 -7.08
CA ARG A 109 5.44 4.22 -6.34
C ARG A 109 4.99 5.37 -7.21
N HIS A 110 5.49 5.40 -8.46
CA HIS A 110 5.11 6.47 -9.39
C HIS A 110 3.64 6.47 -9.73
N ILE A 111 3.09 5.30 -10.02
CA ILE A 111 1.66 5.21 -10.34
C ILE A 111 0.77 5.75 -9.19
N LEU A 112 1.06 5.31 -7.95
CA LEU A 112 0.27 5.75 -6.77
C LEU A 112 0.40 7.25 -6.49
N GLN A 113 1.61 7.80 -6.64
CA GLN A 113 1.82 9.25 -6.61
C GLN A 113 0.96 9.95 -7.66
N GLN A 114 0.91 9.36 -8.85
CA GLN A 114 0.16 9.90 -9.98
C GLN A 114 -1.34 9.85 -9.69
N VAL A 115 -1.80 8.73 -9.14
CA VAL A 115 -3.21 8.55 -8.76
C VAL A 115 -3.60 9.57 -7.66
N TYR A 116 -2.74 9.72 -6.66
CA TYR A 116 -2.95 10.66 -5.60
C TYR A 116 -2.97 12.10 -6.13
N ASN A 117 -2.06 12.41 -7.08
CA ASN A 117 -2.02 13.73 -7.77
C ASN A 117 -3.36 14.09 -8.42
N HIS A 118 -3.96 13.14 -9.13
CA HIS A 118 -5.21 13.38 -9.86
C HIS A 118 -6.45 13.27 -9.00
N SER A 119 -6.30 12.79 -7.76
CA SER A 119 -7.47 12.47 -6.92
C SER A 119 -7.69 13.39 -5.74
N VAL A 120 -6.67 13.60 -4.92
CA VAL A 120 -6.81 14.36 -3.67
C VAL A 120 -6.54 15.85 -3.91
N THR A 121 -7.60 16.66 -3.87
CA THR A 121 -7.50 18.12 -4.09
C THR A 121 -7.18 18.89 -2.81
N ASP A 122 -7.76 18.46 -1.68
CA ASP A 122 -7.46 19.05 -0.37
C ASP A 122 -6.71 18.06 0.51
N PRO A 123 -5.39 18.22 0.63
CA PRO A 123 -4.62 17.38 1.56
C PRO A 123 -4.81 17.79 3.04
N GLU A 124 -5.24 19.04 3.27
CA GLU A 124 -5.41 19.57 4.64
C GLU A 124 -6.68 19.06 5.35
N LYS A 125 -7.67 18.59 4.57
CA LYS A 125 -8.88 17.97 5.13
C LYS A 125 -8.58 16.57 5.72
N LEU A 126 -7.43 16.03 5.32
CA LEU A 126 -6.90 14.80 5.92
C LEU A 126 -6.02 15.11 7.15
N ASN A 127 -5.93 14.15 8.07
CA ASN A 127 -5.14 14.30 9.30
C ASN A 127 -3.63 14.09 9.10
N PRO A 131 1.83 8.03 12.01
CA PRO A 131 3.27 8.20 11.83
C PRO A 131 3.63 9.00 10.58
N PHE A 132 2.88 8.79 9.49
CA PHE A 132 3.11 9.53 8.24
C PHE A 132 1.81 9.91 7.54
N SER A 133 1.74 11.17 7.10
CA SER A 133 0.59 11.69 6.35
C SER A 133 0.59 11.14 4.89
N PRO A 134 -0.61 11.06 4.26
CA PRO A 134 -0.74 10.59 2.85
C PRO A 134 0.10 11.37 1.80
N GLU A 135 0.43 12.64 2.07
CA GLU A 135 1.21 13.45 1.10
C GLU A 135 2.69 13.00 0.97
N VAL A 136 3.23 12.39 2.02
CA VAL A 136 4.61 11.84 1.99
C VAL A 136 4.60 10.32 1.80
N TYR A 137 3.43 9.78 1.42
CA TYR A 137 3.24 8.33 1.27
C TYR A 137 4.41 7.65 0.52
N GLY A 138 4.69 8.13 -0.70
CA GLY A 138 5.76 7.61 -1.57
C GLY A 138 7.13 7.43 -0.93
N GLU A 139 7.55 8.43 -0.13
CA GLU A 139 8.88 8.36 0.53
C GLU A 139 8.88 7.67 1.92
N THR A 140 7.69 7.30 2.42
CA THR A 140 7.57 6.82 3.81
C THR A 140 6.76 5.51 3.95
N SER A 141 5.43 5.64 4.08
CA SER A 141 4.55 4.47 4.28
C SER A 141 4.73 3.44 3.16
N PHE A 142 4.86 3.93 1.91
CA PHE A 142 5.08 3.06 0.76
C PHE A 142 6.23 2.08 1.04
N ASP A 143 7.35 2.60 1.58
CA ASP A 143 8.51 1.77 1.88
C ASP A 143 8.19 0.81 3.02
N LEU A 144 7.46 1.28 4.02
CA LEU A 144 7.02 0.41 5.10
C LEU A 144 6.14 -0.69 4.56
N VAL A 145 5.16 -0.31 3.73
CA VAL A 145 4.25 -1.27 3.14
C VAL A 145 4.99 -2.28 2.25
N ALA A 146 5.91 -1.77 1.43
CA ALA A 146 6.71 -2.65 0.55
C ALA A 146 7.53 -3.64 1.35
N GLN A 147 8.11 -3.15 2.44
CA GLN A 147 8.91 -4.01 3.32
C GLN A 147 8.00 -5.07 3.92
N MET A 148 6.83 -4.64 4.39
CA MET A 148 5.83 -5.53 4.94
C MET A 148 5.37 -6.58 3.90
N ILE A 149 5.10 -6.13 2.69
CA ILE A 149 4.77 -7.07 1.60
C ILE A 149 5.87 -8.14 1.39
N ASP A 150 7.13 -7.72 1.42
CA ASP A 150 8.25 -8.66 1.27
C ASP A 150 8.39 -9.60 2.44
N GLU A 151 8.14 -9.12 3.66
CA GLU A 151 8.27 -9.97 4.83
C GLU A 151 7.05 -10.88 5.02
N ILE A 152 5.86 -10.30 4.88
CA ILE A 152 4.62 -11.05 4.98
C ILE A 152 4.32 -11.61 3.60
N LYS A 153 4.72 -12.84 3.38
CA LYS A 153 4.45 -13.52 2.12
C LYS A 153 2.98 -13.85 2.11
N MET A 154 2.32 -13.48 1.03
CA MET A 154 0.90 -13.71 0.86
C MET A 154 0.67 -14.49 -0.40
N THR A 155 -0.36 -15.33 -0.37
CA THR A 155 -0.68 -16.20 -1.49
C THR A 155 -2.15 -16.01 -1.85
N ASP A 156 -2.59 -16.69 -2.91
CA ASP A 156 -3.98 -16.58 -3.37
C ASP A 156 -5.03 -17.14 -2.36
N ASP A 157 -4.54 -17.79 -1.30
CA ASP A 157 -5.40 -18.25 -0.22
C ASP A 157 -5.67 -17.15 0.83
N ASP A 158 -5.04 -15.99 0.66
CA ASP A 158 -5.17 -14.90 1.62
C ASP A 158 -6.29 -13.92 1.29
N LEU A 159 -6.89 -13.34 2.31
CA LEU A 159 -7.75 -12.20 2.19
C LEU A 159 -7.16 -11.08 3.02
N PHE A 160 -6.94 -9.94 2.39
CA PHE A 160 -6.30 -8.79 3.03
C PHE A 160 -7.33 -7.72 3.30
N VAL A 161 -7.29 -7.16 4.51
CA VAL A 161 -8.10 -5.99 4.83
C VAL A 161 -7.24 -4.90 5.48
N ASP A 162 -7.43 -3.68 5.01
CA ASP A 162 -6.89 -2.50 5.67
C ASP A 162 -8.01 -1.84 6.49
N LEU A 163 -7.86 -1.89 7.81
CA LEU A 163 -8.83 -1.32 8.72
C LEU A 163 -8.60 0.17 8.94
N GLY A 164 -9.47 1.00 8.37
CA GLY A 164 -9.32 2.45 8.43
C GLY A 164 -8.43 2.87 7.29
N SER A 165 -8.92 2.65 6.08
CA SER A 165 -8.10 2.68 4.87
C SER A 165 -7.85 4.07 4.27
N GLY A 166 -8.46 5.10 4.85
CA GLY A 166 -8.24 6.47 4.39
C GLY A 166 -8.60 6.67 2.92
N VAL A 167 -7.65 7.20 2.13
CA VAL A 167 -7.89 7.35 0.69
C VAL A 167 -7.52 6.09 -0.12
N GLY A 168 -7.11 5.01 0.57
CA GLY A 168 -6.96 3.70 -0.06
C GLY A 168 -5.58 3.33 -0.54
N GLN A 169 -4.60 4.19 -0.29
CA GLN A 169 -3.23 4.00 -0.76
C GLN A 169 -2.65 2.61 -0.46
N VAL A 170 -2.84 2.13 0.77
CA VAL A 170 -2.29 0.85 1.19
C VAL A 170 -2.93 -0.30 0.46
N VAL A 171 -4.26 -0.26 0.34
CA VAL A 171 -4.99 -1.28 -0.39
C VAL A 171 -4.50 -1.39 -1.84
N LEU A 172 -4.33 -0.25 -2.51
CA LEU A 172 -3.91 -0.24 -3.91
C LEU A 172 -2.51 -0.75 -4.03
N GLN A 173 -1.62 -0.29 -3.16
CA GLN A 173 -0.26 -0.81 -3.18
C GLN A 173 -0.25 -2.35 -3.03
N VAL A 174 -0.98 -2.87 -2.04
CA VAL A 174 -0.94 -4.32 -1.75
C VAL A 174 -1.63 -5.12 -2.85
N ALA A 175 -2.70 -4.56 -3.41
CA ALA A 175 -3.45 -5.21 -4.50
C ALA A 175 -2.61 -5.30 -5.78
N ALA A 176 -1.77 -4.29 -6.03
CA ALA A 176 -0.90 -4.29 -7.19
C ALA A 176 0.28 -5.24 -7.01
N ALA A 177 0.64 -5.51 -5.76
CA ALA A 177 1.89 -6.24 -5.49
C ALA A 177 1.73 -7.69 -5.09
N THR A 178 0.51 -8.12 -4.71
CA THR A 178 0.34 -9.51 -4.17
C THR A 178 -0.66 -10.37 -4.92
N ASN A 179 -0.70 -11.64 -4.50
CA ASN A 179 -1.59 -12.63 -5.09
C ASN A 179 -2.90 -12.90 -4.34
N CYS A 180 -3.21 -12.11 -3.28
CA CYS A 180 -4.43 -12.36 -2.46
C CYS A 180 -5.69 -12.50 -3.28
N LYS A 181 -6.58 -13.40 -2.84
CA LYS A 181 -7.89 -13.58 -3.46
C LYS A 181 -8.64 -12.25 -3.57
N HIS A 182 -8.68 -11.49 -2.48
CA HIS A 182 -9.29 -10.15 -2.47
C HIS A 182 -8.66 -9.23 -1.47
N HIS A 183 -8.76 -7.92 -1.74
CA HIS A 183 -8.24 -6.88 -0.88
C HIS A 183 -9.34 -5.94 -0.58
N TYR A 184 -9.52 -5.63 0.70
CA TYR A 184 -10.56 -4.72 1.11
C TYR A 184 -9.99 -3.55 1.91
N GLY A 185 -10.59 -2.39 1.74
CA GLY A 185 -10.33 -1.29 2.62
C GLY A 185 -11.64 -0.80 3.14
N VAL A 186 -11.70 -0.50 4.42
CA VAL A 186 -12.91 0.05 5.03
C VAL A 186 -12.59 1.37 5.70
N GLU A 187 -13.32 2.42 5.31
CA GLU A 187 -13.12 3.77 5.84
C GLU A 187 -14.46 4.35 6.27
N LYS A 188 -14.50 4.91 7.50
CA LYS A 188 -15.76 5.46 8.05
C LYS A 188 -16.03 6.92 7.65
N ALA A 189 -14.98 7.74 7.66
CA ALA A 189 -15.12 9.18 7.42
C ALA A 189 -15.37 9.50 5.94
N ASP A 190 -16.30 10.41 5.68
CA ASP A 190 -16.76 10.68 4.31
C ASP A 190 -15.72 11.34 3.40
N ILE A 191 -14.93 12.27 3.93
CA ILE A 191 -13.91 12.96 3.11
C ILE A 191 -12.90 11.95 2.51
N PRO A 192 -12.22 11.14 3.38
CA PRO A 192 -11.31 10.16 2.78
C PRO A 192 -12.04 9.09 1.95
N ALA A 193 -13.22 8.66 2.39
CA ALA A 193 -14.01 7.66 1.63
C ALA A 193 -14.41 8.17 0.25
N LYS A 194 -14.75 9.46 0.17
CA LYS A 194 -15.08 10.11 -1.11
C LYS A 194 -13.85 10.13 -2.04
N TYR A 195 -12.74 10.68 -1.57
CA TYR A 195 -11.49 10.66 -2.32
C TYR A 195 -11.13 9.24 -2.78
N ALA A 196 -11.40 8.24 -1.92
CA ALA A 196 -11.11 6.83 -2.24
C ALA A 196 -11.79 6.37 -3.53
N GLU A 197 -13.02 6.84 -3.78
CA GLU A 197 -13.72 6.55 -5.04
C GLU A 197 -12.94 7.03 -6.27
N THR A 198 -12.36 8.24 -6.18
CA THR A 198 -11.54 8.78 -7.27
C THR A 198 -10.22 8.03 -7.36
N MET A 199 -9.60 7.80 -6.21
CA MET A 199 -8.36 7.02 -6.15
C MET A 199 -8.56 5.69 -6.86
N ASP A 200 -9.74 5.10 -6.66
CA ASP A 200 -10.09 3.81 -7.23
C ASP A 200 -10.18 3.87 -8.76
N ARG A 201 -10.91 4.87 -9.25
CA ARG A 201 -11.10 5.06 -10.69
C ARG A 201 -9.75 5.39 -11.38
N GLU A 202 -9.01 6.34 -10.82
CA GLU A 202 -7.70 6.73 -11.34
C GLU A 202 -6.70 5.56 -11.37
N PHE A 203 -6.69 4.76 -10.31
CA PHE A 203 -5.78 3.62 -10.22
C PHE A 203 -6.01 2.68 -11.36
N ARG A 204 -7.27 2.31 -11.57
CA ARG A 204 -7.65 1.37 -12.64
C ARG A 204 -7.27 1.93 -14.00
N LYS A 205 -7.52 3.22 -14.20
CA LYS A 205 -7.18 3.89 -15.44
C LYS A 205 -5.66 3.84 -15.65
N TRP A 206 -4.91 4.30 -14.65
CA TRP A 206 -3.46 4.36 -14.80
C TRP A 206 -2.79 3.03 -14.90
N MET A 207 -3.31 2.03 -14.19
CA MET A 207 -2.76 0.67 -14.30
C MET A 207 -2.90 0.13 -15.73
N LYS A 208 -4.07 0.34 -16.34
CA LYS A 208 -4.28 -0.02 -17.73
C LYS A 208 -3.33 0.75 -18.67
N TRP A 209 -3.16 2.04 -18.41
CA TRP A 209 -2.30 2.89 -19.21
C TRP A 209 -0.89 2.36 -19.33
N TYR A 210 -0.36 1.79 -18.23
CA TYR A 210 0.99 1.19 -18.23
C TYR A 210 1.00 -0.29 -18.62
N GLY A 211 -0.18 -0.89 -18.76
CA GLY A 211 -0.29 -2.32 -19.10
C GLY A 211 0.02 -3.29 -17.96
N LYS A 212 -0.26 -2.85 -16.74
CA LYS A 212 0.06 -3.61 -15.56
C LYS A 212 -1.20 -4.18 -14.92
N LYS A 213 -1.03 -5.31 -14.23
CA LYS A 213 -2.12 -5.99 -13.57
C LYS A 213 -2.14 -5.72 -12.05
N HIS A 214 -3.33 -5.79 -11.46
CA HIS A 214 -3.50 -5.79 -10.04
C HIS A 214 -4.46 -6.87 -9.67
N ALA A 215 -4.39 -7.33 -8.42
CA ALA A 215 -5.38 -8.26 -7.90
C ALA A 215 -6.70 -7.53 -7.64
N GLU A 216 -7.74 -8.28 -7.28
CA GLU A 216 -9.06 -7.70 -7.01
C GLU A 216 -9.05 -6.92 -5.70
N TYR A 217 -9.77 -5.81 -5.68
CA TYR A 217 -9.91 -5.00 -4.46
C TYR A 217 -11.21 -4.24 -4.45
N THR A 218 -11.64 -3.90 -3.25
CA THR A 218 -12.81 -3.11 -3.03
C THR A 218 -12.51 -2.13 -1.92
N LEU A 219 -12.77 -0.85 -2.20
CA LEU A 219 -12.72 0.19 -1.18
C LEU A 219 -14.14 0.53 -0.76
N GLU A 220 -14.46 0.27 0.52
CA GLU A 220 -15.83 0.46 1.04
C GLU A 220 -15.91 1.51 2.11
N ARG A 221 -17.07 2.18 2.17
CA ARG A 221 -17.43 3.02 3.29
C ARG A 221 -18.03 2.11 4.32
N GLY A 222 -17.65 2.32 5.59
CA GLY A 222 -18.18 1.53 6.69
C GLY A 222 -17.42 1.72 7.97
N ASP A 223 -17.93 1.14 9.05
CA ASP A 223 -17.30 1.19 10.35
C ASP A 223 -16.79 -0.21 10.67
N PHE A 224 -15.49 -0.36 10.86
CA PHE A 224 -14.93 -1.71 11.09
C PHE A 224 -15.26 -2.28 12.47
N LEU A 225 -15.91 -1.47 13.30
CA LEU A 225 -16.38 -1.92 14.60
C LEU A 225 -17.84 -2.41 14.56
N SER A 226 -18.49 -2.30 13.40
CA SER A 226 -19.87 -2.79 13.22
C SER A 226 -19.96 -4.32 13.27
N GLU A 227 -21.17 -4.81 13.58
CA GLU A 227 -21.47 -6.25 13.66
C GLU A 227 -21.17 -6.98 12.33
N GLU A 228 -21.49 -6.34 11.22
CA GLU A 228 -21.14 -6.88 9.90
C GLU A 228 -19.64 -7.18 9.81
N TRP A 229 -18.82 -6.24 10.30
CA TRP A 229 -17.36 -6.40 10.21
C TRP A 229 -16.80 -7.36 11.19
N ARG A 230 -17.59 -7.70 12.20
CA ARG A 230 -17.21 -8.70 13.19
C ARG A 230 -16.91 -10.04 12.48
N GLU A 231 -17.88 -10.52 11.70
CA GLU A 231 -17.73 -11.76 10.92
C GLU A 231 -16.63 -11.65 9.83
N ARG A 232 -16.53 -10.47 9.21
CA ARG A 232 -15.55 -10.24 8.14
C ARG A 232 -14.11 -10.22 8.64
N ILE A 233 -13.86 -9.52 9.74
CA ILE A 233 -12.54 -9.55 10.40
C ILE A 233 -12.14 -10.99 10.76
N ALA A 234 -13.14 -11.78 11.20
CA ALA A 234 -12.92 -13.18 11.58
C ALA A 234 -12.49 -14.07 10.40
N ASN A 235 -12.95 -13.74 9.21
CA ASN A 235 -12.62 -14.50 8.00
C ASN A 235 -11.43 -13.92 7.22
N THR A 236 -10.83 -12.86 7.74
CA THR A 236 -9.68 -12.23 7.11
C THR A 236 -8.40 -12.88 7.61
N SER A 237 -7.48 -13.17 6.70
CA SER A 237 -6.22 -13.78 7.08
C SER A 237 -5.07 -12.78 7.27
N VAL A 238 -5.16 -11.60 6.66
CA VAL A 238 -4.15 -10.55 6.82
C VAL A 238 -4.81 -9.21 7.02
N ILE A 239 -4.58 -8.63 8.20
CA ILE A 239 -5.08 -7.31 8.55
C ILE A 239 -3.93 -6.34 8.68
N PHE A 240 -4.09 -5.16 8.05
CA PHE A 240 -3.22 -4.02 8.28
C PHE A 240 -4.04 -2.98 9.00
N VAL A 241 -3.49 -2.40 10.05
CA VAL A 241 -4.19 -1.34 10.78
C VAL A 241 -3.21 -0.35 11.39
N ASN A 242 -3.37 0.90 11.02
CA ASN A 242 -2.51 1.93 11.51
C ASN A 242 -3.11 2.50 12.77
N ASN A 243 -2.91 1.79 13.89
CA ASN A 243 -3.63 2.08 15.13
C ASN A 243 -2.86 2.98 16.10
N PHE A 244 -1.68 3.43 15.68
CA PHE A 244 -0.76 4.18 16.56
C PHE A 244 -1.44 5.23 17.44
N ALA A 245 -2.42 5.95 16.87
CA ALA A 245 -3.08 7.04 17.57
C ALA A 245 -4.49 6.67 18.06
N PHE A 246 -4.89 5.42 17.84
CA PHE A 246 -6.16 4.89 18.35
C PHE A 246 -6.22 4.93 19.88
N GLY A 247 -7.41 5.19 20.40
CA GLY A 247 -7.65 5.20 21.85
C GLY A 247 -7.71 3.80 22.42
N PRO A 248 -7.63 3.67 23.77
CA PRO A 248 -7.65 2.37 24.43
C PRO A 248 -8.94 1.59 24.21
N GLU A 249 -10.07 2.30 24.04
CA GLU A 249 -11.36 1.62 23.85
C GLU A 249 -11.47 1.04 22.45
N VAL A 250 -10.98 1.78 21.45
CA VAL A 250 -10.95 1.26 20.07
C VAL A 250 -10.05 0.04 20.00
N ASP A 251 -8.83 0.15 20.55
CA ASP A 251 -7.88 -0.96 20.57
C ASP A 251 -8.48 -2.18 21.29
N HIS A 252 -9.22 -1.93 22.37
CA HIS A 252 -9.91 -2.98 23.10
C HIS A 252 -10.93 -3.70 22.25
N GLN A 253 -11.75 -2.93 21.53
CA GLN A 253 -12.74 -3.51 20.63
C GLN A 253 -12.09 -4.33 19.51
N LEU A 254 -10.92 -3.89 19.03
CA LEU A 254 -10.22 -4.61 17.96
C LEU A 254 -9.69 -5.94 18.45
N LYS A 255 -9.11 -5.93 19.65
CA LYS A 255 -8.65 -7.15 20.28
C LYS A 255 -9.79 -8.19 20.34
N GLU A 256 -10.97 -7.74 20.76
CA GLU A 256 -12.16 -8.60 20.78
C GLU A 256 -12.44 -9.20 19.41
N ARG A 257 -12.37 -8.37 18.37
CA ARG A 257 -12.63 -8.83 17.02
C ARG A 257 -11.53 -9.77 16.51
N PHE A 258 -10.27 -9.46 16.84
CA PHE A 258 -9.13 -10.30 16.41
C PHE A 258 -9.18 -11.66 17.07
N ALA A 259 -9.82 -11.73 18.24
CA ALA A 259 -9.87 -12.97 19.04
C ALA A 259 -10.61 -14.10 18.34
N ASN A 260 -11.41 -13.75 17.33
CA ASN A 260 -12.15 -14.74 16.54
C ASN A 260 -11.47 -15.11 15.21
N MET A 261 -10.28 -14.58 14.97
CA MET A 261 -9.56 -14.93 13.73
C MET A 261 -9.05 -16.36 13.80
N LYS A 262 -8.81 -16.92 12.62
CA LYS A 262 -8.34 -18.28 12.48
C LYS A 262 -6.84 -18.37 12.73
N GLU A 263 -6.40 -19.57 13.11
CA GLU A 263 -4.99 -19.90 13.31
C GLU A 263 -4.15 -19.44 12.11
N GLY A 264 -3.02 -18.80 12.38
CA GLY A 264 -2.15 -18.34 11.33
C GLY A 264 -2.57 -16.99 10.73
N GLY A 265 -3.73 -16.47 11.16
CA GLY A 265 -4.14 -15.10 10.82
C GLY A 265 -3.08 -14.12 11.29
N ARG A 266 -2.90 -13.05 10.54
CA ARG A 266 -1.86 -12.08 10.83
C ARG A 266 -2.38 -10.66 10.88
N ILE A 267 -1.84 -9.88 11.80
CA ILE A 267 -2.18 -8.47 11.92
C ILE A 267 -0.88 -7.69 11.94
N VAL A 268 -0.81 -6.68 11.09
CA VAL A 268 0.32 -5.78 11.06
C VAL A 268 -0.20 -4.43 11.47
N SER A 269 0.48 -3.80 12.42
CA SER A 269 -0.01 -2.56 13.02
C SER A 269 1.13 -1.65 13.38
N SER A 270 0.78 -0.39 13.66
CA SER A 270 1.78 0.59 14.00
C SER A 270 1.90 0.71 15.51
N LYS A 271 1.04 0.00 16.22
CA LYS A 271 1.15 -0.12 17.67
C LYS A 271 0.71 -1.53 18.01
N PRO A 272 1.54 -2.23 18.81
CA PRO A 272 1.27 -3.62 19.18
C PRO A 272 0.02 -3.77 20.04
N PHE A 273 -0.75 -4.83 19.79
CA PHE A 273 -1.97 -5.16 20.52
C PHE A 273 -1.72 -6.02 21.77
N ALA A 274 -0.50 -6.51 21.94
CA ALA A 274 -0.14 -7.35 23.09
C ALA A 274 1.33 -7.12 23.38
N PRO A 275 1.79 -7.38 24.62
CA PRO A 275 3.25 -7.21 24.87
C PRO A 275 4.08 -8.14 23.96
N LEU A 276 5.32 -7.74 23.68
CA LEU A 276 6.22 -8.56 22.84
C LEU A 276 6.76 -9.76 23.61
N ASN A 277 6.85 -9.62 24.93
CA ASN A 277 7.36 -10.66 25.82
C ASN A 277 6.27 -11.09 26.81
N PHE A 278 5.06 -11.29 26.29
CA PHE A 278 3.94 -11.76 27.06
C PHE A 278 4.25 -13.13 27.63
N ARG A 279 3.96 -13.29 28.91
CA ARG A 279 4.15 -14.57 29.58
C ARG A 279 2.85 -14.91 30.25
N ILE A 280 2.25 -16.00 29.80
CA ILE A 280 0.92 -16.40 30.22
C ILE A 280 0.87 -16.88 31.70
N ASN A 281 -0.18 -16.45 32.41
CA ASN A 281 -0.43 -16.91 33.78
C ASN A 281 -1.92 -16.83 34.12
N SER A 282 -2.26 -17.16 35.37
CA SER A 282 -3.66 -17.27 35.81
C SER A 282 -4.45 -15.95 35.81
N ARG A 283 -3.75 -14.83 35.95
CA ARG A 283 -4.39 -13.50 35.96
C ARG A 283 -4.66 -12.92 34.55
N ASN A 284 -3.88 -13.36 33.55
CA ASN A 284 -3.98 -12.80 32.18
C ASN A 284 -4.57 -13.76 31.13
N LEU A 285 -5.13 -14.87 31.60
CA LEU A 285 -5.71 -15.93 30.76
C LEU A 285 -6.60 -15.49 29.58
N SER A 286 -7.37 -14.44 29.78
CA SER A 286 -8.31 -13.97 28.77
CA SER A 286 -8.33 -13.96 28.78
C SER A 286 -7.71 -12.89 27.85
N ASP A 287 -6.50 -12.43 28.17
CA ASP A 287 -5.80 -11.39 27.37
C ASP A 287 -5.34 -11.92 25.99
N ILE A 288 -5.33 -11.02 25.00
CA ILE A 288 -5.09 -11.41 23.62
C ILE A 288 -3.68 -11.96 23.34
N GLY A 289 -2.71 -11.62 24.20
CA GLY A 289 -1.37 -12.20 24.13
C GLY A 289 -1.33 -13.72 24.29
N THR A 290 -2.41 -14.29 24.84
CA THR A 290 -2.51 -15.74 25.05
C THR A 290 -2.59 -16.47 23.73
N ILE A 291 -3.07 -15.78 22.69
CA ILE A 291 -3.37 -16.43 21.41
C ILE A 291 -2.59 -15.90 20.19
N MET A 292 -1.59 -15.04 20.40
CA MET A 292 -0.80 -14.54 19.28
C MET A 292 0.66 -14.30 19.58
N ARG A 293 1.53 -14.65 18.63
CA ARG A 293 2.94 -14.21 18.64
C ARG A 293 3.02 -12.78 18.13
N VAL A 294 3.84 -11.96 18.78
CA VAL A 294 4.00 -10.57 18.39
C VAL A 294 5.49 -10.27 18.20
N VAL A 295 5.85 -9.79 17.02
CA VAL A 295 7.22 -9.36 16.82
C VAL A 295 7.26 -7.96 16.23
N GLU A 296 8.29 -7.21 16.59
CA GLU A 296 8.58 -5.94 15.98
C GLU A 296 9.35 -6.21 14.67
N LEU A 297 8.81 -5.68 13.57
CA LEU A 297 9.47 -5.75 12.26
C LEU A 297 10.51 -4.63 12.07
N SER A 298 11.43 -4.84 11.13
CA SER A 298 12.50 -3.91 10.84
C SER A 298 11.99 -2.50 10.47
N PRO A 299 12.61 -1.47 11.07
CA PRO A 299 12.18 -0.08 10.85
C PRO A 299 12.44 0.45 9.41
N LEU A 300 11.80 1.58 9.07
CA LEU A 300 12.14 2.30 7.83
C LEU A 300 13.45 3.08 8.03
N LYS A 301 14.57 2.44 7.69
CA LYS A 301 15.91 3.03 7.86
C LYS A 301 16.01 4.43 7.24
N GLY A 302 16.56 5.37 8.00
CA GLY A 302 16.79 6.74 7.52
C GLY A 302 15.57 7.62 7.37
N SER A 303 14.44 7.19 7.95
CA SER A 303 13.23 8.01 8.00
C SER A 303 12.65 8.08 9.42
N VAL A 304 12.36 9.30 9.89
CA VAL A 304 11.72 9.53 11.20
C VAL A 304 10.28 10.07 11.07
N SER A 305 9.42 9.68 12.00
CA SER A 305 8.05 10.21 12.12
C SER A 305 8.05 11.67 12.61
N TRP A 306 6.86 12.28 12.65
CA TRP A 306 6.66 13.59 13.30
C TRP A 306 7.03 13.54 14.78
N THR A 307 7.05 12.34 15.37
CA THR A 307 7.48 12.17 16.79
C THR A 307 9.01 12.32 16.93
N GLY A 308 9.71 12.28 15.79
CA GLY A 308 11.18 12.37 15.77
C GLY A 308 11.87 11.02 15.91
N LYS A 309 11.08 9.94 15.90
CA LYS A 309 11.61 8.58 16.10
C LYS A 309 11.45 7.71 14.85
N PRO A 310 12.38 6.74 14.63
CA PRO A 310 12.19 5.74 13.56
C PRO A 310 10.88 4.98 13.76
N VAL A 311 10.18 4.74 12.66
CA VAL A 311 8.88 4.10 12.69
C VAL A 311 9.06 2.62 12.44
N SER A 312 8.58 1.85 13.41
N SER A 312 8.49 1.80 13.31
CA SER A 312 8.57 0.40 13.37
CA SER A 312 8.46 0.37 13.05
C SER A 312 7.13 -0.09 13.16
C SER A 312 7.07 -0.26 13.30
N TYR A 313 6.98 -1.38 12.95
N TYR A 313 6.66 -1.12 12.38
CA TYR A 313 5.68 -1.94 12.71
CA TYR A 313 5.43 -1.87 12.52
C TYR A 313 5.66 -3.32 13.32
C TYR A 313 5.60 -3.14 13.38
N TYR A 314 4.47 -3.76 13.72
CA TYR A 314 4.38 -4.94 14.56
C TYR A 314 3.54 -6.00 13.90
N LEU A 315 4.07 -7.21 13.87
CA LEU A 315 3.35 -8.32 13.29
C LEU A 315 2.86 -9.26 14.37
N HIS A 316 1.55 -9.50 14.38
CA HIS A 316 0.92 -10.44 15.27
C HIS A 316 0.45 -11.62 14.46
N THR A 317 0.76 -12.82 14.93
CA THR A 317 0.32 -14.03 14.27
C THR A 317 -0.55 -14.86 15.22
N ILE A 318 -1.79 -15.16 14.82
CA ILE A 318 -2.68 -15.96 15.64
C ILE A 318 -2.07 -17.35 15.80
N ASP A 319 -1.91 -17.78 17.05
CA ASP A 319 -1.21 -19.02 17.38
C ASP A 319 -1.67 -19.53 18.76
N ARG A 320 -2.59 -20.49 18.72
CA ARG A 320 -3.29 -20.94 19.91
C ARG A 320 -2.55 -22.04 20.69
N THR A 321 -1.41 -22.47 20.17
CA THR A 321 -0.56 -23.44 20.86
C THR A 321 0.03 -22.83 22.15
N ILE A 322 0.13 -21.50 22.18
CA ILE A 322 0.59 -20.77 23.37
C ILE A 322 -0.32 -21.10 24.56
N LEU A 323 -1.62 -21.07 24.28
CA LEU A 323 -2.63 -21.39 25.24
C LEU A 323 -2.66 -22.90 25.52
N GLU A 324 -2.53 -23.71 24.46
CA GLU A 324 -2.48 -25.18 24.61
C GLU A 324 -1.38 -25.60 25.56
N ASN A 325 -0.18 -25.05 25.35
CA ASN A 325 0.97 -25.40 26.16
C ASN A 325 0.82 -24.98 27.61
N TYR A 326 0.18 -23.83 27.83
CA TYR A 326 -0.11 -23.39 29.18
C TYR A 326 -1.04 -24.39 29.89
N PHE A 327 -2.11 -24.83 29.22
CA PHE A 327 -3.03 -25.78 29.81
C PHE A 327 -2.40 -27.16 30.06
N SER A 328 -1.58 -27.64 29.12
CA SER A 328 -0.87 -28.92 29.30
C SER A 328 0.02 -28.87 30.50
N SER A 329 0.71 -27.74 30.68
CA SER A 329 1.63 -27.56 31.78
C SER A 329 0.88 -27.62 33.12
N LEU A 330 -0.29 -26.97 33.17
CA LEU A 330 -1.16 -27.00 34.36
C LEU A 330 -1.55 -28.41 34.80
N LYS A 331 -1.58 -29.35 33.84
CA LYS A 331 -1.98 -30.74 34.11
C LYS A 331 -0.86 -31.47 34.82
N ASN A 332 0.35 -31.08 34.48
CA ASN A 332 1.57 -31.67 35.01
C ASN A 332 1.96 -31.05 36.38
N PRO A 333 1.92 -31.84 37.47
CA PRO A 333 2.23 -31.31 38.82
C PRO A 333 3.64 -30.72 38.94
N LYS A 334 4.62 -31.35 38.27
CA LYS A 334 6.00 -30.81 38.19
C LYS A 334 5.99 -29.40 37.65
N LEU A 335 5.47 -29.24 36.43
CA LEU A 335 5.43 -27.93 35.77
C LEU A 335 4.52 -26.90 36.47
N ARG A 336 3.43 -27.37 37.09
CA ARG A 336 2.52 -26.50 37.83
C ARG A 336 3.21 -25.81 39.01
N GLU A 337 3.99 -26.59 39.77
CA GLU A 337 4.81 -26.03 40.85
C GLU A 337 5.88 -25.08 40.28
N GLU A 338 6.51 -25.48 39.17
CA GLU A 338 7.55 -24.66 38.51
C GLU A 338 6.98 -23.33 37.97
N GLN A 339 5.72 -23.35 37.51
CA GLN A 339 5.00 -22.12 37.12
C GLN A 339 4.58 -21.31 38.34
N GLU A 340 3.98 -21.99 39.31
CA GLU A 340 3.46 -21.34 40.52
C GLU A 340 4.58 -20.93 41.49
N ALA A 341 5.67 -20.40 40.93
CA ALA A 341 6.73 -19.76 41.69
C ALA A 341 6.81 -18.29 41.26
N ALA A 342 6.12 -17.42 42.01
CA ALA A 342 6.04 -15.99 41.69
C ALA A 342 6.90 -15.16 42.64
BR BR B . -14.57 4.36 16.30
BR9 AW2 C . -11.76 4.62 15.02
N01 AW2 C . -13.96 2.55 13.49
C02 AW2 C . -13.45 2.95 12.33
N03 AW2 C . -13.95 2.42 11.19
C04 AW2 C . -13.43 2.81 10.02
N05 AW2 C . -12.45 3.70 9.80
C06 AW2 C . -11.95 4.21 10.94
C07 AW2 C . -12.39 3.89 12.23
C08 AW2 C . -11.59 4.67 13.12
C10 AW2 C . -10.72 5.41 12.38
N11 AW2 C . -10.92 5.13 11.04
C12 AW2 C . -10.21 5.74 9.92
O13 AW2 C . -8.87 5.35 9.93
C14 AW2 C . -8.20 6.23 9.00
C15 AW2 C . -6.76 6.33 9.37
N16 AW2 C . -5.85 5.25 9.00
C17 AW2 C . -4.90 5.66 7.94
C18 AW2 C . -5.52 5.80 6.57
C19 AW2 C . -4.72 5.19 5.44
N20 AW2 C . -4.43 3.77 5.69
C21 AW2 C . -3.26 3.36 6.17
N22 AW2 C . -3.16 2.02 6.36
C23 AW2 C . -2.03 1.33 6.85
C24 AW2 C . -0.81 2.02 6.90
C25 AW2 C . 0.31 1.38 7.38
C26 AW2 C . 0.27 0.06 7.81
C27 AW2 C . 1.54 -0.62 8.33
C28 AW2 C . 1.33 -1.03 9.79
C29 AW2 C . 1.87 -1.88 7.52
C30 AW2 C . 2.75 0.32 8.22
C31 AW2 C . -0.94 -0.61 7.75
C32 AW2 C . -2.09 0.02 7.28
O33 AW2 C . -2.34 4.14 6.44
C34 AW2 C . -5.21 4.77 10.23
C35 AW2 C . -6.11 3.82 10.98
C36 AW2 C . -4.71 5.92 11.09
C37 AW2 C . -8.95 7.56 9.04
O38 AW2 C . -9.27 7.96 7.72
C39 AW2 C . -10.18 7.26 9.95
O40 AW2 C . -11.38 7.78 9.42
NA NA D . 19.57 6.64 -24.18
#